data_6YQK
#
_entry.id   6YQK
#
_cell.length_a   58.215
_cell.length_b   73.159
_cell.length_c   108.513
_cell.angle_alpha   90.000
_cell.angle_beta   90.000
_cell.angle_gamma   90.000
#
_symmetry.space_group_name_H-M   'P 21 21 21'
#
loop_
_entity.id
_entity.type
_entity.pdbx_description
1 polymer 'cAMP-dependent protein kinase catalytic subunit alpha'
2 polymer 'cAMP-dependent protein kinase inhibitor alpha'
3 non-polymer 5-(1,4-diazepan-1-ylsulfonyl)-4-methyl-isoquinoline
4 water water
#
loop_
_entity_poly.entity_id
_entity_poly.type
_entity_poly.pdbx_seq_one_letter_code
_entity_poly.pdbx_strand_id
1 'polypeptide(L)'
;GHMGNAAAAKKG(SEP)EQESVKEFLAKAKEEFLKKWESPSQNTAQLDHFDRIKTLGTGSFGRVMLVKHKETGNHYAMKI
LDKQKVVKLKQIEHTLNEKRILQAVNFPFLVKLEFSFKDNSNLYMVMEYVPGGEMFSHLRRIGRF(SEP)EPHARFYAAQ
IVLTFEYLHSLDLIYRDLKPENLLIDQQGYIQVTDFGFAKRVKGRTW(TPO)LCGTPEYLAPEIILSKGYNKAVDWWALG
VLIYEMAAGYPPFFADQPIQIYEKIVSGKVRFPSHFSSDLKDLLRNLLQVDLTKRFGNLKNGVNDIKNHKWFATTDWIAI
YQRKVEAPFIPKFKGPGDTSNFDDYEEEEIRV(SEP)INEKCGKEFTEF
;
A
2 'polypeptide(L)' IAAGRTGRRQAIHDILVAA B
#
# COMPACT_ATOMS: atom_id res chain seq x y z
N GLY A 1 22.81 -27.68 -9.86
CA GLY A 1 22.18 -26.34 -9.86
C GLY A 1 22.24 -25.69 -8.50
N HIS A 2 21.45 -24.62 -8.33
CA HIS A 2 21.51 -23.91 -7.05
C HIS A 2 20.86 -24.72 -5.93
N MET A 3 19.75 -25.39 -6.22
CA MET A 3 19.08 -26.21 -5.23
C MET A 3 19.34 -27.69 -5.48
N GLY A 4 19.39 -28.44 -4.40
CA GLY A 4 19.36 -29.88 -4.47
C GLY A 4 17.95 -30.39 -4.69
N ASN A 5 17.82 -31.72 -4.66
CA ASN A 5 16.55 -32.36 -4.98
C ASN A 5 15.47 -31.94 -3.98
N ALA A 6 15.76 -32.09 -2.68
CA ALA A 6 14.74 -31.81 -1.67
C ALA A 6 14.27 -30.37 -1.76
N ALA A 7 15.21 -29.43 -1.93
CA ALA A 7 14.86 -28.03 -1.95
C ALA A 7 14.08 -27.65 -3.21
N ALA A 8 14.48 -28.20 -4.36
CA ALA A 8 13.79 -27.84 -5.60
C ALA A 8 12.38 -28.41 -5.61
N ALA A 9 12.20 -29.62 -5.07
CA ALA A 9 10.86 -30.18 -4.98
C ALA A 9 9.98 -29.39 -4.02
N LYS A 10 10.52 -29.03 -2.85
CA LYS A 10 9.73 -28.25 -1.91
C LYS A 10 9.34 -26.90 -2.52
N LYS A 11 10.27 -26.25 -3.22
CA LYS A 11 9.97 -24.94 -3.78
C LYS A 11 8.94 -25.03 -4.89
N GLY A 12 9.07 -26.02 -5.74
CA GLY A 12 8.12 -26.15 -6.83
C GLY A 12 6.73 -26.40 -6.28
N GLU A 14 5.61 -25.55 -3.32
CA GLU A 14 5.17 -24.32 -2.66
C GLU A 14 4.58 -23.35 -3.68
N GLN A 15 5.22 -23.28 -4.83
CA GLN A 15 4.76 -22.35 -5.85
C GLN A 15 3.44 -22.81 -6.44
N GLU A 16 3.24 -24.13 -6.59
CA GLU A 16 1.95 -24.60 -7.05
C GLU A 16 0.88 -24.31 -6.02
N SER A 17 1.21 -24.40 -4.73
CA SER A 17 0.20 -24.12 -3.72
C SER A 17 -0.20 -22.65 -3.74
N VAL A 18 0.74 -21.77 -4.11
CA VAL A 18 0.40 -20.36 -4.27
C VAL A 18 -0.63 -20.20 -5.38
N LYS A 19 -0.42 -20.88 -6.50
CA LYS A 19 -1.36 -20.80 -7.59
C LYS A 19 -2.76 -21.21 -7.15
N GLU A 20 -2.83 -22.32 -6.40
CA GLU A 20 -4.10 -22.81 -5.89
C GLU A 20 -4.75 -21.79 -4.96
N PHE A 21 -3.97 -21.22 -4.04
CA PHE A 21 -4.51 -20.20 -3.15
C PHE A 21 -5.09 -19.04 -3.94
N LEU A 22 -4.35 -18.58 -4.93
CA LEU A 22 -4.73 -17.37 -5.65
C LEU A 22 -5.97 -17.60 -6.52
N ALA A 23 -6.11 -18.79 -7.08
CA ALA A 23 -7.33 -19.09 -7.82
C ALA A 23 -8.57 -19.06 -6.92
N LYS A 24 -8.48 -19.61 -5.70
CA LYS A 24 -9.61 -19.52 -4.77
C LYS A 24 -9.85 -18.07 -4.35
N ALA A 25 -8.80 -17.29 -4.11
CA ALA A 25 -8.99 -15.91 -3.68
C ALA A 25 -9.62 -15.06 -4.78
N LYS A 26 -9.32 -15.37 -6.03
CA LYS A 26 -9.94 -14.64 -7.13
C LYS A 26 -11.44 -14.93 -7.21
N GLU A 27 -11.83 -16.20 -7.08
CA GLU A 27 -13.26 -16.54 -7.06
C GLU A 27 -13.99 -15.76 -5.98
N GLU A 28 -13.39 -15.66 -4.78
CA GLU A 28 -14.02 -14.92 -3.69
C GLU A 28 -14.05 -13.43 -3.99
N PHE A 29 -12.97 -12.90 -4.54
CA PHE A 29 -12.93 -11.48 -4.88
C PHE A 29 -14.00 -11.13 -5.89
N LEU A 30 -14.12 -11.93 -6.95
CA LEU A 30 -15.06 -11.59 -8.02
C LEU A 30 -16.50 -11.57 -7.52
N LYS A 31 -16.86 -12.47 -6.60
CA LYS A 31 -18.23 -12.46 -6.10
C LYS A 31 -18.56 -11.13 -5.44
N LYS A 32 -17.59 -10.56 -4.69
CA LYS A 32 -17.82 -9.28 -4.03
C LYS A 32 -17.66 -8.12 -5.00
N TRP A 33 -16.78 -8.27 -6.00
CA TRP A 33 -16.60 -7.25 -7.02
C TRP A 33 -17.89 -7.03 -7.79
N GLU A 34 -18.58 -8.13 -8.12
CA GLU A 34 -19.79 -8.09 -8.91
C GLU A 34 -21.02 -7.69 -8.10
N SER A 35 -21.00 -7.88 -6.79
CA SER A 35 -22.14 -7.55 -5.92
C SER A 35 -21.66 -6.76 -4.72
N PRO A 36 -21.25 -5.52 -4.93
CA PRO A 36 -20.57 -4.77 -3.86
C PRO A 36 -21.50 -4.39 -2.72
N SER A 37 -20.94 -4.38 -1.51
CA SER A 37 -21.63 -3.87 -0.33
C SER A 37 -21.92 -2.37 -0.46
N GLN A 38 -22.95 -1.91 0.25
CA GLN A 38 -23.37 -0.52 0.17
C GLN A 38 -24.27 -0.20 1.37
N ASN A 39 -24.11 1.00 1.92
CA ASN A 39 -24.98 1.53 2.99
C ASN A 39 -25.12 0.54 4.14
N THR A 40 -23.98 0.25 4.78
CA THR A 40 -23.94 -0.74 5.86
C THR A 40 -23.80 -0.10 7.23
N ALA A 41 -24.02 1.21 7.36
CA ALA A 41 -23.98 1.92 8.63
C ALA A 41 -24.46 3.35 8.36
N GLN A 42 -24.57 4.14 9.44
CA GLN A 42 -24.89 5.56 9.34
C GLN A 42 -24.04 6.31 10.36
N LEU A 43 -23.87 7.61 10.10
CA LEU A 43 -22.98 8.43 10.94
C LEU A 43 -23.40 8.38 12.40
N ASP A 44 -24.70 8.35 12.66
CA ASP A 44 -25.21 8.38 14.02
C ASP A 44 -24.79 7.16 14.84
N HIS A 45 -24.18 6.14 14.22
CA HIS A 45 -23.80 4.93 14.96
C HIS A 45 -22.46 5.07 15.66
N PHE A 46 -21.75 6.19 15.50
CA PHE A 46 -20.42 6.36 16.05
C PHE A 46 -20.31 7.68 16.78
N ASP A 47 -19.35 7.74 17.71
CA ASP A 47 -18.89 8.98 18.31
C ASP A 47 -17.60 9.41 17.65
N ARG A 48 -17.51 10.69 17.30
CA ARG A 48 -16.28 11.24 16.73
C ARG A 48 -15.34 11.61 17.87
N ILE A 49 -14.18 10.97 17.92
CA ILE A 49 -13.27 11.14 19.05
C ILE A 49 -12.19 12.16 18.75
N LYS A 50 -11.52 12.02 17.61
CA LYS A 50 -10.33 12.80 17.33
C LYS A 50 -10.00 12.65 15.85
N THR A 51 -9.35 13.67 15.30
CA THR A 51 -8.86 13.64 13.92
C THR A 51 -7.46 13.04 13.93
N LEU A 52 -7.22 12.07 13.03
CA LEU A 52 -5.98 11.32 13.01
C LEU A 52 -5.12 11.50 11.75
N GLY A 53 -5.65 12.09 10.70
CA GLY A 53 -4.91 12.21 9.47
C GLY A 53 -5.70 12.99 8.44
N ARG A 59 -10.74 14.10 5.67
CA ARG A 59 -10.22 13.82 6.99
C ARG A 59 -10.40 12.35 7.36
N VAL A 60 -9.51 11.83 8.20
CA VAL A 60 -9.67 10.53 8.83
C VAL A 60 -9.85 10.75 10.32
N MET A 61 -10.91 10.21 10.87
CA MET A 61 -11.30 10.42 12.25
C MET A 61 -11.28 9.10 13.00
N LEU A 62 -10.67 9.11 14.19
CA LEU A 62 -10.92 8.03 15.14
C LEU A 62 -12.35 8.16 15.68
N VAL A 63 -13.13 7.09 15.55
CA VAL A 63 -14.51 7.08 16.00
C VAL A 63 -14.72 5.85 16.88
N LYS A 64 -15.77 5.90 17.69
CA LYS A 64 -16.12 4.77 18.54
C LYS A 64 -17.53 4.35 18.19
N HIS A 65 -17.69 3.10 17.78
CA HIS A 65 -19.00 2.55 17.54
C HIS A 65 -19.76 2.47 18.86
N LYS A 66 -21.00 2.94 18.86
CA LYS A 66 -21.75 3.09 20.11
C LYS A 66 -22.22 1.74 20.65
N GLU A 67 -22.68 0.86 19.76
CA GLU A 67 -23.19 -0.43 20.23
C GLU A 67 -22.06 -1.35 20.68
N THR A 68 -20.96 -1.42 19.91
CA THR A 68 -19.90 -2.37 20.20
C THR A 68 -18.79 -1.78 21.07
N GLY A 69 -18.64 -0.46 21.11
CA GLY A 69 -17.47 0.13 21.75
C GLY A 69 -16.19 -0.03 20.97
N ASN A 70 -16.25 -0.63 19.79
CA ASN A 70 -15.07 -0.82 18.96
C ASN A 70 -14.65 0.50 18.34
N HIS A 71 -13.34 0.68 18.20
CA HIS A 71 -12.77 1.90 17.62
C HIS A 71 -12.50 1.67 16.14
N TYR A 72 -12.72 2.71 15.33
CA TYR A 72 -12.49 2.64 13.89
C TYR A 72 -11.84 3.91 13.37
N ALA A 73 -11.32 3.82 12.16
CA ALA A 73 -10.80 4.98 11.44
C ALA A 73 -11.81 5.32 10.34
N MET A 74 -12.48 6.47 10.49
CA MET A 74 -13.50 6.88 9.54
C MET A 74 -12.90 7.90 8.58
N LYS A 75 -12.80 7.54 7.31
CA LYS A 75 -12.34 8.44 6.26
C LYS A 75 -13.54 9.19 5.66
N ILE A 76 -13.45 10.53 5.65
CA ILE A 76 -14.52 11.40 5.18
C ILE A 76 -14.06 12.07 3.89
N LEU A 77 -14.85 11.90 2.81
CA LEU A 77 -14.58 12.51 1.52
C LEU A 77 -15.71 13.49 1.20
N ASP A 78 -15.33 14.73 0.85
CA ASP A 78 -16.31 15.76 0.50
C ASP A 78 -16.68 15.62 -0.97
N LYS A 79 -17.92 15.20 -1.23
CA LYS A 79 -18.33 14.88 -2.59
C LYS A 79 -17.95 15.99 -3.56
N GLN A 80 -18.17 17.25 -3.18
CA GLN A 80 -17.91 18.37 -4.09
C GLN A 80 -16.43 18.46 -4.44
N LYS A 81 -15.54 18.22 -3.47
CA LYS A 81 -14.11 18.33 -3.74
C LYS A 81 -13.60 17.18 -4.62
N VAL A 82 -14.27 16.03 -4.60
CA VAL A 82 -13.85 14.91 -5.44
C VAL A 82 -14.12 15.21 -6.91
N VAL A 83 -15.25 15.83 -7.21
CA VAL A 83 -15.60 16.14 -8.60
C VAL A 83 -14.64 17.18 -9.17
N LYS A 84 -14.48 18.29 -8.45
CA LYS A 84 -13.55 19.33 -8.90
C LYS A 84 -12.17 18.76 -9.20
N LEU A 85 -11.78 17.68 -8.51
CA LEU A 85 -10.44 17.13 -8.67
C LEU A 85 -10.35 16.02 -9.71
N LYS A 86 -11.46 15.68 -10.38
CA LYS A 86 -11.48 14.61 -11.38
C LYS A 86 -11.02 13.28 -10.79
N GLN A 87 -11.27 13.08 -9.50
CA GLN A 87 -11.00 11.82 -8.82
C GLN A 87 -12.26 10.99 -8.63
N ILE A 88 -13.29 11.23 -9.44
CA ILE A 88 -14.54 10.51 -9.25
C ILE A 88 -14.33 9.03 -9.49
N GLU A 89 -13.78 8.67 -10.65
CA GLU A 89 -13.56 7.26 -10.95
C GLU A 89 -12.58 6.64 -9.95
N HIS A 90 -11.57 7.41 -9.52
CA HIS A 90 -10.59 6.85 -8.59
C HIS A 90 -11.23 6.56 -7.24
N THR A 91 -12.13 7.44 -6.81
CA THR A 91 -12.82 7.23 -5.54
C THR A 91 -13.78 6.05 -5.63
N LEU A 92 -14.44 5.91 -6.77
CA LEU A 92 -15.28 4.73 -6.97
C LEU A 92 -14.43 3.46 -7.01
N ASN A 93 -13.26 3.51 -7.67
CA ASN A 93 -12.34 2.38 -7.63
C ASN A 93 -12.00 2.01 -6.19
N GLU A 94 -11.61 3.02 -5.39
CA GLU A 94 -11.13 2.78 -4.03
C GLU A 94 -12.15 1.98 -3.22
N LYS A 95 -13.39 2.44 -3.18
CA LYS A 95 -14.36 1.80 -2.31
C LYS A 95 -14.75 0.42 -2.85
N ARG A 96 -14.91 0.30 -4.17
CA ARG A 96 -15.29 -0.97 -4.76
C ARG A 96 -14.21 -2.02 -4.53
N ILE A 97 -12.95 -1.61 -4.63
CA ILE A 97 -11.84 -2.54 -4.39
C ILE A 97 -11.76 -2.90 -2.92
N LEU A 98 -11.79 -1.89 -2.04
CA LEU A 98 -11.63 -2.17 -0.61
C LEU A 98 -12.71 -3.10 -0.10
N GLN A 99 -13.92 -2.99 -0.62
CA GLN A 99 -14.99 -3.83 -0.08
C GLN A 99 -14.93 -5.25 -0.61
N ALA A 100 -14.10 -5.52 -1.63
CA ALA A 100 -14.03 -6.84 -2.25
C ALA A 100 -12.78 -7.64 -1.88
N VAL A 101 -11.72 -7.00 -1.43
CA VAL A 101 -10.46 -7.70 -1.16
C VAL A 101 -10.48 -8.26 0.26
N ASN A 102 -9.57 -9.19 0.50
CA ASN A 102 -9.40 -9.83 1.80
C ASN A 102 -7.98 -10.39 1.84
N PHE A 103 -7.15 -9.82 2.71
CA PHE A 103 -5.77 -10.26 2.86
C PHE A 103 -5.25 -9.73 4.19
N PRO A 104 -4.34 -10.45 4.86
CA PRO A 104 -4.00 -10.07 6.24
C PRO A 104 -3.28 -8.75 6.37
N PHE A 105 -2.73 -8.19 5.29
CA PHE A 105 -1.98 -6.94 5.31
C PHE A 105 -2.68 -5.82 4.56
N LEU A 106 -3.95 -6.01 4.22
CA LEU A 106 -4.78 -4.96 3.60
C LEU A 106 -5.78 -4.47 4.63
N VAL A 107 -5.86 -3.16 4.80
CA VAL A 107 -6.80 -2.63 5.77
C VAL A 107 -8.21 -3.07 5.40
N LYS A 108 -8.98 -3.37 6.44
CA LYS A 108 -10.32 -3.93 6.29
C LYS A 108 -11.37 -2.82 6.39
N LEU A 109 -12.11 -2.64 5.31
CA LEU A 109 -13.29 -1.79 5.31
C LEU A 109 -14.42 -2.48 6.04
N GLU A 110 -14.91 -1.90 7.13
CA GLU A 110 -15.96 -2.53 7.91
C GLU A 110 -17.34 -2.01 7.54
N PHE A 111 -17.48 -0.71 7.31
CA PHE A 111 -18.73 -0.08 6.91
C PHE A 111 -18.44 0.99 5.86
N SER A 112 -19.47 1.27 5.05
CA SER A 112 -19.43 2.43 4.17
C SER A 112 -20.85 2.94 4.00
N PHE A 113 -20.96 4.23 3.71
CA PHE A 113 -22.26 4.88 3.53
C PHE A 113 -22.01 6.31 3.05
N LYS A 114 -23.09 7.06 2.89
CA LYS A 114 -22.98 8.41 2.35
C LYS A 114 -24.16 9.24 2.83
N ASP A 115 -24.08 10.53 2.56
CA ASP A 115 -25.15 11.48 2.90
C ASP A 115 -25.11 12.63 1.89
N ASN A 116 -25.74 13.76 2.24
CA ASN A 116 -25.88 14.83 1.27
C ASN A 116 -24.53 15.39 0.83
N SER A 117 -23.53 15.40 1.73
CA SER A 117 -22.29 16.11 1.46
C SER A 117 -21.07 15.22 1.29
N ASN A 118 -20.98 14.10 1.99
CA ASN A 118 -19.73 13.34 2.00
C ASN A 118 -19.94 11.86 1.69
N LEU A 119 -18.81 11.22 1.41
CA LEU A 119 -18.67 9.77 1.37
C LEU A 119 -17.93 9.33 2.62
N TYR A 120 -18.32 8.20 3.21
CA TYR A 120 -17.70 7.70 4.43
C TYR A 120 -17.16 6.29 4.19
N MET A 121 -15.91 6.07 4.58
CA MET A 121 -15.33 4.72 4.59
C MET A 121 -14.82 4.47 6.00
N VAL A 122 -15.37 3.46 6.66
CA VAL A 122 -15.05 3.13 8.05
C VAL A 122 -14.21 1.87 8.05
N MET A 123 -12.94 2.01 8.44
CA MET A 123 -11.97 0.94 8.40
C MET A 123 -11.52 0.58 9.81
N GLU A 124 -11.01 -0.64 9.96
N GLU A 124 -11.00 -0.63 9.96
CA GLU A 124 -10.43 -1.04 11.24
CA GLU A 124 -10.42 -1.01 11.24
C GLU A 124 -9.34 -0.05 11.63
C GLU A 124 -9.35 -0.02 11.62
N TYR A 125 -9.27 0.28 12.91
CA TYR A 125 -8.29 1.23 13.43
C TYR A 125 -6.97 0.49 13.63
N VAL A 126 -5.92 1.03 13.04
CA VAL A 126 -4.56 0.48 13.10
C VAL A 126 -3.73 1.41 13.98
N PRO A 127 -3.47 1.07 15.24
CA PRO A 127 -3.03 2.09 16.22
C PRO A 127 -1.55 2.42 16.20
N GLY A 128 -0.73 1.66 15.49
CA GLY A 128 0.70 1.80 15.58
C GLY A 128 1.29 2.97 14.82
N GLY A 129 0.50 3.69 14.04
CA GLY A 129 0.98 4.83 13.28
C GLY A 129 1.51 4.45 11.91
N GLU A 130 1.92 5.46 11.16
CA GLU A 130 2.50 5.25 9.84
C GLU A 130 3.93 4.76 9.96
N MET A 131 4.31 3.86 9.04
CA MET A 131 5.72 3.48 8.92
C MET A 131 6.57 4.72 8.76
N PHE A 132 6.09 5.69 7.99
CA PHE A 132 6.80 6.94 7.76
C PHE A 132 7.36 7.55 9.05
N SER A 133 6.52 7.64 10.09
N SER A 133 6.53 7.65 10.10
CA SER A 133 6.94 8.29 11.33
CA SER A 133 6.98 8.34 11.30
C SER A 133 8.07 7.53 11.98
C SER A 133 8.05 7.53 12.04
N HIS A 134 7.91 6.21 12.06
CA HIS A 134 8.90 5.39 12.73
C HIS A 134 10.21 5.41 11.95
N LEU A 135 10.12 5.44 10.62
CA LEU A 135 11.32 5.43 9.81
C LEU A 135 12.09 6.74 9.97
N ARG A 136 11.37 7.88 9.96
CA ARG A 136 12.05 9.16 10.10
C ARG A 136 12.62 9.32 11.50
N ARG A 137 11.94 8.74 12.50
N ARG A 137 11.95 8.75 12.51
CA ARG A 137 12.39 8.83 13.88
CA ARG A 137 12.43 8.87 13.88
C ARG A 137 13.66 8.03 14.12
C ARG A 137 13.70 8.04 14.08
N ILE A 138 13.69 6.79 13.61
CA ILE A 138 14.84 5.92 13.84
C ILE A 138 15.95 6.18 12.83
N GLY A 139 15.60 6.73 11.66
CA GLY A 139 16.57 7.03 10.63
C GLY A 139 16.48 6.04 9.50
N ARG A 140 16.89 4.80 9.76
N ARG A 140 16.86 4.80 9.77
CA ARG A 140 16.77 3.72 8.79
CA ARG A 140 16.74 3.73 8.79
C ARG A 140 16.53 2.43 9.53
C ARG A 140 16.52 2.42 9.53
N PHE A 141 15.97 1.46 8.81
CA PHE A 141 15.74 0.13 9.34
C PHE A 141 16.89 -0.77 8.94
N GLU A 143 18.65 -4.24 7.61
CA GLU A 143 18.11 -5.04 6.50
C GLU A 143 17.09 -6.13 6.94
N PRO A 144 17.32 -6.83 8.06
CA PRO A 144 16.29 -7.81 8.47
C PRO A 144 14.94 -7.17 8.78
N HIS A 145 14.98 -5.97 9.38
CA HIS A 145 13.76 -5.21 9.70
C HIS A 145 13.05 -4.78 8.41
N ALA A 146 13.80 -4.18 7.49
CA ALA A 146 13.25 -3.80 6.20
C ALA A 146 12.69 -5.02 5.47
N ARG A 147 13.38 -6.15 5.57
CA ARG A 147 12.97 -7.35 4.84
C ARG A 147 11.66 -7.89 5.36
N PHE A 148 11.46 -7.81 6.67
CA PHE A 148 10.22 -8.25 7.28
C PHE A 148 9.04 -7.49 6.70
N TYR A 149 9.18 -6.17 6.56
CA TYR A 149 8.12 -5.39 5.93
C TYR A 149 8.03 -5.65 4.44
N ALA A 150 9.18 -5.76 3.75
CA ALA A 150 9.12 -5.95 2.31
C ALA A 150 8.42 -7.25 1.96
N ALA A 151 8.67 -8.30 2.73
CA ALA A 151 8.02 -9.58 2.44
C ALA A 151 6.49 -9.44 2.47
N GLN A 152 5.98 -8.62 3.39
CA GLN A 152 4.54 -8.45 3.46
C GLN A 152 4.02 -7.74 2.22
N ILE A 153 4.78 -6.77 1.70
CA ILE A 153 4.37 -6.07 0.50
C ILE A 153 4.44 -7.00 -0.70
N VAL A 154 5.48 -7.82 -0.80
CA VAL A 154 5.57 -8.77 -1.91
C VAL A 154 4.34 -9.67 -1.93
N LEU A 155 3.96 -10.24 -0.78
CA LEU A 155 2.79 -11.12 -0.75
C LEU A 155 1.52 -10.35 -1.08
N THR A 156 1.41 -9.11 -0.59
CA THR A 156 0.23 -8.31 -0.85
C THR A 156 0.10 -7.98 -2.33
N PHE A 157 1.21 -7.60 -2.97
CA PHE A 157 1.17 -7.33 -4.41
C PHE A 157 0.93 -8.62 -5.21
N GLU A 158 1.48 -9.75 -4.76
CA GLU A 158 1.20 -11.00 -5.47
C GLU A 158 -0.30 -11.27 -5.48
N TYR A 159 -0.96 -11.01 -4.33
CA TYR A 159 -2.41 -11.16 -4.20
C TYR A 159 -3.15 -10.16 -5.08
N LEU A 160 -2.85 -8.87 -4.92
CA LEU A 160 -3.56 -7.84 -5.67
C LEU A 160 -3.42 -8.06 -7.17
N HIS A 161 -2.20 -8.30 -7.64
CA HIS A 161 -1.98 -8.43 -9.08
C HIS A 161 -2.69 -9.65 -9.63
N SER A 162 -2.86 -10.70 -8.82
CA SER A 162 -3.54 -11.89 -9.34
C SER A 162 -5.00 -11.60 -9.61
N LEU A 163 -5.56 -10.58 -8.94
CA LEU A 163 -6.91 -10.09 -9.13
C LEU A 163 -6.98 -9.03 -10.22
N ASP A 164 -5.89 -8.82 -10.94
CA ASP A 164 -5.73 -7.74 -11.93
C ASP A 164 -5.84 -6.35 -11.31
N LEU A 165 -5.46 -6.20 -10.05
CA LEU A 165 -5.46 -4.90 -9.40
C LEU A 165 -4.05 -4.32 -9.39
N ILE A 166 -3.92 -3.06 -9.74
CA ILE A 166 -2.66 -2.33 -9.60
C ILE A 166 -2.88 -1.35 -8.45
N TYR A 167 -1.87 -1.20 -7.58
CA TYR A 167 -2.04 -0.42 -6.36
C TYR A 167 -1.68 1.07 -6.57
N ARG A 168 -0.49 1.33 -7.10
CA ARG A 168 -0.11 2.65 -7.61
C ARG A 168 0.11 3.72 -6.54
N ASP A 169 0.20 3.42 -5.26
CA ASP A 169 0.66 4.49 -4.36
C ASP A 169 1.45 3.95 -3.17
N LEU A 170 2.37 3.04 -3.44
CA LEU A 170 3.22 2.54 -2.37
C LEU A 170 4.15 3.62 -1.88
N LYS A 171 4.23 3.76 -0.54
CA LYS A 171 5.17 4.63 0.17
C LYS A 171 4.98 4.45 1.67
N PRO A 172 5.97 4.82 2.48
CA PRO A 172 5.84 4.62 3.93
C PRO A 172 4.67 5.36 4.54
N GLU A 173 4.26 6.48 3.94
CA GLU A 173 3.10 7.23 4.41
C GLU A 173 1.82 6.42 4.38
N ASN A 174 1.75 5.39 3.53
CA ASN A 174 0.54 4.64 3.26
C ASN A 174 0.58 3.25 3.86
N LEU A 175 1.51 3.02 4.78
CA LEU A 175 1.66 1.73 5.42
C LEU A 175 1.56 1.95 6.92
N LEU A 176 0.57 1.36 7.54
CA LEU A 176 0.41 1.48 8.98
C LEU A 176 0.92 0.24 9.67
N ILE A 177 1.39 0.41 10.91
CA ILE A 177 1.86 -0.70 11.74
C ILE A 177 0.77 -1.08 12.73
N ASP A 178 0.44 -2.37 12.78
CA ASP A 178 -0.59 -2.81 13.72
C ASP A 178 0.03 -3.23 15.05
N GLN A 179 -0.84 -3.69 15.96
N GLN A 179 -0.85 -3.70 15.94
CA GLN A 179 -0.39 -3.92 17.32
CA GLN A 179 -0.46 -3.95 17.32
C GLN A 179 0.60 -5.06 17.42
C GLN A 179 0.53 -5.08 17.44
N GLN A 180 0.61 -5.95 16.43
CA GLN A 180 1.58 -7.03 16.39
C GLN A 180 2.83 -6.68 15.59
N GLY A 181 2.94 -5.44 15.12
CA GLY A 181 4.10 -5.00 14.36
C GLY A 181 4.05 -5.36 12.90
N TYR A 182 2.92 -5.87 12.40
CA TYR A 182 2.76 -6.15 10.99
C TYR A 182 2.16 -4.95 10.26
N ILE A 183 2.24 -5.00 8.92
CA ILE A 183 1.82 -3.91 8.04
C ILE A 183 0.37 -4.01 7.66
N GLN A 184 -0.25 -2.84 7.56
CA GLN A 184 -1.58 -2.67 7.00
C GLN A 184 -1.47 -1.65 5.89
N VAL A 185 -1.75 -2.08 4.66
CA VAL A 185 -1.73 -1.18 3.52
C VAL A 185 -3.04 -0.42 3.49
N THR A 186 -2.95 0.92 3.42
CA THR A 186 -4.10 1.81 3.33
C THR A 186 -4.05 2.54 1.97
N ASP A 187 -4.93 3.50 1.77
CA ASP A 187 -4.85 4.43 0.64
C ASP A 187 -4.99 3.70 -0.70
N PHE A 188 -6.22 3.25 -0.98
CA PHE A 188 -6.50 2.62 -2.25
C PHE A 188 -7.04 3.60 -3.28
N GLY A 189 -6.79 4.90 -3.07
CA GLY A 189 -7.36 5.91 -3.91
C GLY A 189 -6.91 5.85 -5.35
N PHE A 190 -5.75 5.27 -5.63
CA PHE A 190 -5.29 5.10 -7.01
C PHE A 190 -5.34 3.67 -7.49
N ALA A 191 -5.85 2.74 -6.67
CA ALA A 191 -5.88 1.35 -7.09
C ALA A 191 -6.90 1.19 -8.19
N LYS A 192 -6.61 0.31 -9.13
CA LYS A 192 -7.49 0.13 -10.29
C LYS A 192 -7.46 -1.31 -10.77
N ARG A 193 -8.62 -1.80 -11.20
CA ARG A 193 -8.67 -3.09 -11.86
C ARG A 193 -8.36 -2.89 -13.34
N VAL A 194 -7.31 -3.56 -13.78
CA VAL A 194 -6.65 -3.32 -15.07
C VAL A 194 -6.26 -4.68 -15.61
N LYS A 195 -6.84 -5.07 -16.75
CA LYS A 195 -6.49 -6.37 -17.31
C LYS A 195 -5.10 -6.33 -17.93
N GLY A 196 -4.78 -5.29 -18.69
CA GLY A 196 -3.45 -5.13 -19.27
C GLY A 196 -2.80 -3.82 -18.92
N ARG A 197 -3.02 -2.81 -19.76
CA ARG A 197 -2.37 -1.53 -19.57
C ARG A 197 -3.35 -0.49 -19.08
N THR A 198 -2.79 0.56 -18.47
CA THR A 198 -3.58 1.75 -18.16
C THR A 198 -2.70 2.95 -18.39
N TRP A 199 -3.29 4.15 -18.35
CA TRP A 199 -2.58 5.34 -18.81
C TRP A 199 -2.60 6.55 -17.87
N LEU A 201 -1.71 9.38 -15.41
CA LEU A 201 -0.52 9.86 -14.72
C LEU A 201 -0.91 10.14 -13.26
N CYS A 202 -0.55 9.24 -12.36
CA CYS A 202 -0.86 9.42 -10.95
C CYS A 202 0.15 8.67 -10.12
N GLY A 203 0.25 9.06 -8.85
CA GLY A 203 1.12 8.49 -7.84
C GLY A 203 1.92 9.57 -7.13
N THR A 204 2.99 9.17 -6.48
CA THR A 204 3.79 10.13 -5.71
C THR A 204 5.15 10.25 -6.36
N PRO A 205 5.67 11.45 -6.60
CA PRO A 205 6.85 11.60 -7.45
C PRO A 205 8.01 10.66 -7.17
N GLU A 206 8.44 10.57 -5.92
CA GLU A 206 9.62 9.76 -5.61
C GLU A 206 9.41 8.28 -5.94
N TYR A 207 8.18 7.84 -6.07
CA TYR A 207 7.88 6.42 -6.24
C TYR A 207 7.39 6.08 -7.64
N LEU A 208 7.35 7.06 -8.54
CA LEU A 208 6.85 6.85 -9.89
C LEU A 208 7.83 6.06 -10.73
N ALA A 209 7.34 5.03 -11.40
CA ALA A 209 8.15 4.32 -12.37
C ALA A 209 8.41 5.18 -13.60
N PRO A 210 9.50 4.91 -14.30
CA PRO A 210 9.84 5.77 -15.45
C PRO A 210 8.77 5.81 -16.53
N GLU A 211 8.13 4.67 -16.78
CA GLU A 211 7.13 4.60 -17.84
C GLU A 211 5.92 5.45 -17.51
N ILE A 212 5.63 5.70 -16.23
CA ILE A 212 4.58 6.66 -15.91
C ILE A 212 5.03 8.06 -16.27
N ILE A 213 6.22 8.44 -15.81
CA ILE A 213 6.75 9.78 -16.06
C ILE A 213 6.81 10.06 -17.56
N LEU A 214 7.11 9.02 -18.34
CA LEU A 214 7.26 9.13 -19.79
C LEU A 214 5.93 8.97 -20.53
N SER A 215 4.79 8.99 -19.82
CA SER A 215 3.46 9.00 -20.43
C SER A 215 3.26 7.79 -21.35
N LYS A 216 3.70 6.63 -20.90
CA LYS A 216 3.41 5.42 -21.63
C LYS A 216 2.19 4.71 -21.03
N GLY A 217 1.58 3.83 -21.83
CA GLY A 217 0.70 2.84 -21.26
C GLY A 217 1.54 1.95 -20.38
N TYR A 218 1.09 1.66 -19.18
CA TYR A 218 1.92 0.92 -18.25
C TYR A 218 1.07 -0.14 -17.59
N ASN A 219 1.75 -1.06 -16.88
CA ASN A 219 1.07 -2.20 -16.27
C ASN A 219 1.48 -2.39 -14.81
N LYS A 220 1.17 -3.57 -14.24
CA LYS A 220 1.36 -3.81 -12.83
C LYS A 220 2.82 -3.71 -12.40
N ALA A 221 3.75 -3.75 -13.36
CA ALA A 221 5.17 -3.67 -13.02
C ALA A 221 5.53 -2.32 -12.40
N VAL A 222 4.68 -1.31 -12.51
CA VAL A 222 4.99 -0.08 -11.79
C VAL A 222 5.00 -0.32 -10.29
N ASP A 223 4.21 -1.27 -9.79
CA ASP A 223 4.19 -1.55 -8.37
C ASP A 223 5.50 -2.21 -7.93
N TRP A 224 6.09 -3.04 -8.79
CA TRP A 224 7.36 -3.66 -8.43
C TRP A 224 8.49 -2.65 -8.44
N TRP A 225 8.47 -1.68 -9.35
CA TRP A 225 9.40 -0.57 -9.26
C TRP A 225 9.23 0.15 -7.92
N ALA A 226 7.98 0.47 -7.57
CA ALA A 226 7.72 1.16 -6.32
C ALA A 226 8.19 0.35 -5.12
N LEU A 227 8.11 -0.97 -5.19
CA LEU A 227 8.68 -1.78 -4.12
C LEU A 227 10.17 -1.55 -3.98
N GLY A 228 10.87 -1.49 -5.11
CA GLY A 228 12.29 -1.15 -5.07
C GLY A 228 12.54 0.17 -4.36
N VAL A 229 11.75 1.19 -4.68
CA VAL A 229 11.93 2.48 -4.01
C VAL A 229 11.70 2.33 -2.51
N LEU A 230 10.67 1.59 -2.12
CA LEU A 230 10.33 1.43 -0.70
C LEU A 230 11.44 0.72 0.05
N ILE A 231 11.91 -0.43 -0.49
CA ILE A 231 12.98 -1.16 0.19
C ILE A 231 14.20 -0.27 0.33
N TYR A 232 14.57 0.44 -0.73
CA TYR A 232 15.70 1.35 -0.65
C TYR A 232 15.50 2.36 0.47
N GLU A 233 14.32 3.00 0.50
CA GLU A 233 14.12 4.04 1.50
C GLU A 233 14.12 3.47 2.91
N MET A 234 13.48 2.32 3.11
CA MET A 234 13.50 1.69 4.43
C MET A 234 14.93 1.42 4.90
N ALA A 235 15.77 0.92 4.00
CA ALA A 235 17.11 0.51 4.38
C ALA A 235 18.11 1.66 4.42
N ALA A 236 17.88 2.73 3.67
CA ALA A 236 18.78 3.89 3.61
C ALA A 236 18.34 5.03 4.53
N GLY A 237 17.02 5.22 4.66
CA GLY A 237 16.44 6.34 5.37
C GLY A 237 15.99 7.45 4.46
N TYR A 238 16.32 7.35 3.17
CA TYR A 238 15.94 8.29 2.14
C TYR A 238 15.76 7.51 0.85
N PRO A 239 14.95 8.02 -0.09
CA PRO A 239 14.69 7.27 -1.30
C PRO A 239 15.78 7.45 -2.34
N PRO A 240 15.79 6.61 -3.37
CA PRO A 240 16.92 6.59 -4.34
C PRO A 240 16.96 7.77 -5.27
N PHE A 241 15.82 8.41 -5.51
CA PHE A 241 15.66 9.53 -6.43
C PHE A 241 15.11 10.68 -5.60
N PHE A 242 16.02 11.56 -5.19
CA PHE A 242 15.86 12.44 -4.03
C PHE A 242 16.27 13.82 -4.50
N ALA A 243 15.30 14.74 -4.52
CA ALA A 243 15.52 16.11 -4.94
C ALA A 243 14.39 16.97 -4.40
N ASP A 244 14.63 18.29 -4.40
CA ASP A 244 13.68 19.21 -3.80
C ASP A 244 12.42 19.38 -4.64
N GLN A 245 12.55 19.34 -5.97
CA GLN A 245 11.42 19.58 -6.86
C GLN A 245 11.10 18.36 -7.71
N PRO A 246 9.82 18.09 -7.97
CA PRO A 246 9.45 16.92 -8.78
C PRO A 246 10.20 16.83 -10.10
N ILE A 247 10.35 17.93 -10.84
CA ILE A 247 11.02 17.86 -12.13
C ILE A 247 12.42 17.27 -11.97
N GLN A 248 13.12 17.63 -10.90
CA GLN A 248 14.44 17.07 -10.65
C GLN A 248 14.33 15.60 -10.26
N ILE A 249 13.29 15.24 -9.51
CA ILE A 249 13.08 13.83 -9.16
C ILE A 249 12.87 13.00 -10.42
N TYR A 250 12.04 13.51 -11.34
CA TYR A 250 11.71 12.76 -12.57
C TYR A 250 12.95 12.52 -13.43
N GLU A 251 13.82 13.53 -13.55
CA GLU A 251 15.02 13.36 -14.35
C GLU A 251 15.88 12.21 -13.81
N LYS A 252 16.00 12.11 -12.49
CA LYS A 252 16.81 11.02 -11.91
C LYS A 252 16.17 9.66 -12.18
N ILE A 253 14.84 9.58 -12.05
CA ILE A 253 14.15 8.29 -12.23
C ILE A 253 14.41 7.73 -13.62
N VAL A 254 14.27 8.56 -14.66
CA VAL A 254 14.37 8.01 -16.03
C VAL A 254 15.81 7.77 -16.47
N SER A 255 16.81 8.21 -15.70
CA SER A 255 18.22 8.12 -16.12
C SER A 255 18.74 6.69 -16.17
N GLY A 256 18.13 5.76 -15.45
CA GLY A 256 18.68 4.41 -15.38
C GLY A 256 19.85 4.26 -14.42
N LYS A 257 20.12 5.28 -13.59
CA LYS A 257 21.22 5.26 -12.63
C LYS A 257 20.66 5.32 -11.21
N VAL A 258 21.28 4.56 -10.31
CA VAL A 258 20.96 4.51 -8.89
C VAL A 258 22.26 4.32 -8.14
N ARG A 259 22.44 5.05 -7.06
CA ARG A 259 23.59 4.90 -6.17
C ARG A 259 23.12 4.39 -4.81
N PHE A 260 23.96 3.56 -4.18
CA PHE A 260 23.59 2.89 -2.94
C PHE A 260 24.51 3.29 -1.78
N PRO A 261 23.97 3.41 -0.56
CA PRO A 261 24.83 3.57 0.64
C PRO A 261 25.84 2.44 0.74
N SER A 262 27.01 2.76 1.31
CA SER A 262 28.04 1.75 1.42
C SER A 262 27.68 0.63 2.39
N HIS A 263 26.68 0.82 3.26
CA HIS A 263 26.27 -0.24 4.18
C HIS A 263 25.24 -1.21 3.58
N PHE A 264 24.72 -0.97 2.39
CA PHE A 264 23.85 -1.95 1.75
C PHE A 264 24.63 -3.21 1.40
N SER A 265 24.03 -4.36 1.70
CA SER A 265 24.63 -5.62 1.32
C SER A 265 24.59 -5.78 -0.20
N SER A 266 25.51 -6.60 -0.71
N SER A 266 25.51 -6.59 -0.73
CA SER A 266 25.52 -6.88 -2.15
CA SER A 266 25.49 -6.85 -2.16
C SER A 266 24.23 -7.56 -2.58
C SER A 266 24.20 -7.53 -2.58
N ASP A 267 23.66 -8.42 -1.73
CA ASP A 267 22.38 -9.04 -2.04
C ASP A 267 21.28 -8.01 -2.20
N LEU A 268 21.24 -7.02 -1.30
CA LEU A 268 20.21 -5.99 -1.41
C LEU A 268 20.40 -5.16 -2.67
N LYS A 269 21.64 -4.76 -2.97
CA LYS A 269 21.88 -3.97 -4.18
C LYS A 269 21.47 -4.73 -5.43
N ASP A 270 21.76 -6.03 -5.50
CA ASP A 270 21.35 -6.80 -6.66
C ASP A 270 19.82 -6.84 -6.78
N LEU A 271 19.11 -7.06 -5.67
CA LEU A 271 17.66 -7.04 -5.73
C LEU A 271 17.16 -5.69 -6.24
N LEU A 272 17.68 -4.62 -5.67
CA LEU A 272 17.19 -3.29 -6.03
C LEU A 272 17.54 -2.91 -7.47
N ARG A 273 18.69 -3.35 -8.00
CA ARG A 273 18.99 -3.07 -9.41
C ARG A 273 18.00 -3.78 -10.33
N ASN A 274 17.47 -4.92 -9.90
CA ASN A 274 16.52 -5.66 -10.70
C ASN A 274 15.08 -5.18 -10.53
N LEU A 275 14.76 -4.51 -9.44
CA LEU A 275 13.45 -3.87 -9.28
C LEU A 275 13.43 -2.48 -9.91
N LEU A 276 14.46 -1.69 -9.64
CA LEU A 276 14.60 -0.34 -10.20
C LEU A 276 15.23 -0.41 -11.58
N GLN A 277 14.67 -1.26 -12.40
CA GLN A 277 15.14 -1.53 -13.75
C GLN A 277 14.26 -0.76 -14.72
N VAL A 278 14.84 0.23 -15.42
CA VAL A 278 14.04 1.01 -16.37
C VAL A 278 13.56 0.16 -17.54
N ASP A 279 14.32 -0.87 -17.93
CA ASP A 279 13.98 -1.70 -19.08
C ASP A 279 12.94 -2.74 -18.63
N LEU A 280 11.70 -2.58 -19.11
CA LEU A 280 10.65 -3.44 -18.62
C LEU A 280 10.89 -4.90 -18.97
N THR A 281 11.67 -5.18 -20.01
CA THR A 281 11.93 -6.57 -20.37
C THR A 281 12.90 -7.23 -19.43
N LYS A 282 13.42 -6.49 -18.45
CA LYS A 282 14.37 -7.01 -17.49
C LYS A 282 13.92 -6.82 -16.05
N ARG A 283 12.80 -6.13 -15.81
CA ARG A 283 12.42 -5.81 -14.44
C ARG A 283 11.82 -7.01 -13.71
N PHE A 284 12.38 -7.32 -12.53
CA PHE A 284 11.77 -8.34 -11.69
C PHE A 284 10.31 -8.03 -11.41
N GLY A 285 9.49 -9.07 -11.47
CA GLY A 285 8.07 -8.92 -11.37
C GLY A 285 7.37 -8.78 -12.71
N ASN A 286 8.12 -8.59 -13.78
CA ASN A 286 7.56 -8.45 -15.11
C ASN A 286 8.05 -9.54 -16.05
N LEU A 287 8.69 -10.58 -15.55
CA LEU A 287 9.32 -11.56 -16.44
C LEU A 287 8.51 -12.85 -16.45
N LYS A 288 8.99 -13.84 -17.22
CA LYS A 288 8.25 -15.09 -17.35
C LYS A 288 7.99 -15.75 -15.99
N ASN A 289 8.94 -15.63 -15.06
N ASN A 289 8.94 -15.65 -15.06
CA ASN A 289 8.93 -16.27 -13.76
CA ASN A 289 8.82 -16.33 -13.78
C ASN A 289 8.15 -15.46 -12.73
C ASN A 289 8.14 -15.46 -12.73
N GLY A 290 7.62 -14.30 -13.14
CA GLY A 290 6.69 -13.56 -12.31
C GLY A 290 7.25 -13.14 -10.97
N VAL A 291 6.42 -13.26 -9.94
CA VAL A 291 6.82 -12.86 -8.61
C VAL A 291 7.92 -13.77 -8.07
N ASN A 292 8.07 -14.98 -8.62
CA ASN A 292 9.07 -15.89 -8.07
C ASN A 292 10.49 -15.36 -8.23
N ASP A 293 10.75 -14.51 -9.24
CA ASP A 293 12.08 -13.91 -9.33
C ASP A 293 12.40 -13.11 -8.09
N ILE A 294 11.37 -12.50 -7.50
CA ILE A 294 11.57 -11.71 -6.29
C ILE A 294 11.63 -12.62 -5.07
N LYS A 295 10.64 -13.51 -4.93
CA LYS A 295 10.54 -14.33 -3.71
C LYS A 295 11.71 -15.29 -3.58
N ASN A 296 12.33 -15.66 -4.70
CA ASN A 296 13.45 -16.59 -4.72
C ASN A 296 14.81 -15.89 -4.77
N HIS A 297 14.82 -14.55 -4.69
CA HIS A 297 16.09 -13.86 -4.68
C HIS A 297 16.86 -14.10 -3.39
N LYS A 298 18.19 -14.05 -3.48
CA LYS A 298 19.07 -14.28 -2.31
C LYS A 298 18.71 -13.40 -1.11
N TRP A 299 18.28 -12.15 -1.36
CA TRP A 299 18.06 -11.27 -0.22
C TRP A 299 16.90 -11.76 0.62
N PHE A 300 16.02 -12.56 0.04
CA PHE A 300 14.89 -13.14 0.74
C PHE A 300 15.14 -14.61 1.11
N ALA A 301 16.39 -15.09 1.02
CA ALA A 301 16.63 -16.51 1.30
C ALA A 301 16.20 -16.92 2.70
N THR A 302 16.28 -16.03 3.68
CA THR A 302 15.86 -16.36 5.05
C THR A 302 14.38 -16.15 5.30
N THR A 303 13.62 -15.73 4.29
CA THR A 303 12.20 -15.46 4.49
C THR A 303 11.36 -16.72 4.34
N ASP A 304 10.62 -17.05 5.40
CA ASP A 304 9.61 -18.11 5.38
C ASP A 304 8.29 -17.43 5.00
N TRP A 305 7.97 -17.50 3.70
CA TRP A 305 6.82 -16.79 3.15
C TRP A 305 5.51 -17.21 3.81
N ILE A 306 5.32 -18.52 4.05
CA ILE A 306 4.11 -18.94 4.72
C ILE A 306 4.05 -18.39 6.14
N ALA A 307 5.18 -18.41 6.85
CA ALA A 307 5.19 -17.94 8.23
C ALA A 307 4.85 -16.46 8.28
N ILE A 308 5.30 -15.70 7.30
CA ILE A 308 4.93 -14.29 7.22
C ILE A 308 3.43 -14.13 7.01
N TYR A 309 2.87 -14.86 6.04
CA TYR A 309 1.44 -14.82 5.78
C TYR A 309 0.64 -15.19 7.01
N GLN A 310 1.08 -16.21 7.76
CA GLN A 310 0.40 -16.65 8.97
C GLN A 310 0.68 -15.76 10.17
N ARG A 311 1.51 -14.74 10.01
CA ARG A 311 1.81 -13.81 11.09
C ARG A 311 2.45 -14.51 12.28
N LYS A 312 3.22 -15.54 12.01
CA LYS A 312 3.92 -16.28 13.04
C LYS A 312 5.39 -15.89 13.20
N VAL A 313 5.85 -14.91 12.45
CA VAL A 313 7.22 -14.41 12.59
C VAL A 313 7.20 -13.30 13.64
N GLU A 314 8.18 -13.31 14.54
CA GLU A 314 8.29 -12.26 15.54
C GLU A 314 8.62 -10.93 14.88
N ALA A 315 7.80 -9.91 15.12
CA ALA A 315 8.05 -8.63 14.48
C ALA A 315 9.27 -7.94 15.07
N PRO A 316 9.97 -7.15 14.26
CA PRO A 316 11.15 -6.41 14.77
C PRO A 316 10.80 -5.32 15.76
N PHE A 317 9.57 -4.84 15.72
CA PHE A 317 9.20 -3.63 16.44
C PHE A 317 7.72 -3.73 16.76
N ILE A 318 7.37 -3.59 18.03
CA ILE A 318 5.98 -3.51 18.47
C ILE A 318 5.70 -2.07 18.89
N PRO A 319 4.76 -1.38 18.25
CA PRO A 319 4.48 0.01 18.62
C PRO A 319 3.94 0.09 20.04
N LYS A 320 4.24 1.21 20.71
CA LYS A 320 3.66 1.47 22.01
C LYS A 320 2.13 1.56 21.91
N PHE A 321 1.44 0.89 22.81
CA PHE A 321 -0.03 0.88 22.79
C PHE A 321 -0.53 0.91 24.22
N LYS A 322 -1.11 2.03 24.64
CA LYS A 322 -1.56 2.18 26.02
C LYS A 322 -2.95 1.60 26.22
N GLY A 323 -3.82 1.62 25.21
CA GLY A 323 -5.16 1.10 25.34
C GLY A 323 -5.99 1.27 24.08
N PRO A 324 -7.24 0.83 24.12
CA PRO A 324 -8.04 0.76 22.87
C PRO A 324 -8.21 2.09 22.15
N GLY A 325 -8.33 3.20 22.87
CA GLY A 325 -8.48 4.46 22.18
C GLY A 325 -7.18 5.17 21.82
N ASP A 326 -6.04 4.54 22.03
CA ASP A 326 -4.76 5.24 22.02
C ASP A 326 -4.46 5.85 20.66
N THR A 327 -4.15 7.15 20.64
CA THR A 327 -3.76 7.82 19.40
C THR A 327 -2.33 8.35 19.45
N SER A 328 -1.51 7.87 20.40
CA SER A 328 -0.22 8.49 20.64
C SER A 328 0.74 8.33 19.47
N ASN A 329 0.45 7.43 18.53
CA ASN A 329 1.35 7.18 17.42
C ASN A 329 1.00 8.00 16.18
N PHE A 330 0.00 8.89 16.29
CA PHE A 330 -0.48 9.76 15.23
C PHE A 330 -0.35 11.22 15.68
N ASP A 331 -0.52 12.14 14.74
CA ASP A 331 -0.34 13.56 15.03
C ASP A 331 -1.65 14.20 15.48
N ASP A 332 -1.52 15.42 16.01
CA ASP A 332 -2.65 16.23 16.42
C ASP A 332 -3.10 17.13 15.27
N TYR A 333 -4.42 17.33 15.16
CA TYR A 333 -5.00 18.18 14.12
C TYR A 333 -6.11 19.03 14.74
N GLU A 334 -6.36 20.20 14.14
CA GLU A 334 -7.33 21.14 14.71
C GLU A 334 -8.74 20.55 14.77
N GLU A 337 -15.30 20.49 12.27
CA GLU A 337 -16.60 19.87 12.54
C GLU A 337 -17.23 19.33 11.25
N ILE A 338 -18.22 18.45 11.41
CA ILE A 338 -18.87 17.81 10.28
C ILE A 338 -20.07 18.66 9.88
N ARG A 339 -20.10 19.10 8.63
CA ARG A 339 -21.14 19.98 8.10
C ARG A 339 -21.90 19.25 7.00
N VAL A 340 -22.94 18.52 7.38
CA VAL A 340 -23.82 17.87 6.40
C VAL A 340 -24.88 18.88 5.94
N ILE A 342 -28.19 20.54 3.71
CA ILE A 342 -29.60 20.21 3.56
C ILE A 342 -29.93 19.69 2.17
N ASN A 343 -29.07 20.00 1.20
CA ASN A 343 -29.25 19.58 -0.19
C ASN A 343 -28.20 18.54 -0.55
N GLU A 344 -28.64 17.42 -1.11
CA GLU A 344 -27.72 16.36 -1.53
C GLU A 344 -26.92 16.81 -2.74
N LYS A 345 -25.60 16.60 -2.70
CA LYS A 345 -24.68 17.10 -3.71
C LYS A 345 -24.05 15.95 -4.48
N CYS A 346 -23.82 16.18 -5.78
CA CYS A 346 -23.25 15.20 -6.70
C CYS A 346 -23.85 13.80 -6.47
N GLY A 347 -25.17 13.75 -6.32
CA GLY A 347 -25.83 12.48 -6.08
C GLY A 347 -25.63 11.49 -7.22
N LYS A 348 -25.78 11.96 -8.46
CA LYS A 348 -25.73 11.06 -9.60
C LYS A 348 -24.32 10.51 -9.82
N GLU A 349 -23.30 11.34 -9.56
CA GLU A 349 -21.93 10.91 -9.80
C GLU A 349 -21.50 9.78 -8.85
N PHE A 350 -22.14 9.66 -7.69
CA PHE A 350 -21.74 8.67 -6.68
C PHE A 350 -22.88 7.71 -6.36
N THR A 351 -23.71 7.37 -7.37
CA THR A 351 -24.79 6.42 -7.15
C THR A 351 -24.28 5.05 -6.72
N GLU A 352 -23.17 4.60 -7.31
CA GLU A 352 -22.70 3.24 -7.04
C GLU A 352 -22.05 3.10 -5.67
N PHE A 353 -21.68 4.20 -5.03
CA PHE A 353 -20.96 4.17 -3.76
C PHE A 353 -21.85 3.70 -2.61
N ALA B 3 20.15 16.84 -1.02
CA ALA B 3 18.95 17.52 -0.55
C ALA B 3 17.70 16.93 -1.20
N GLY B 4 16.62 16.85 -0.43
CA GLY B 4 15.39 16.29 -0.95
C GLY B 4 14.32 16.42 0.10
N ARG B 5 13.13 15.92 -0.25
CA ARG B 5 11.94 16.09 0.57
C ARG B 5 11.95 15.12 1.73
N THR B 6 11.94 15.64 2.96
CA THR B 6 11.95 14.77 4.14
C THR B 6 10.59 14.61 4.80
N GLY B 7 9.66 15.52 4.49
CA GLY B 7 8.33 15.44 5.05
C GLY B 7 7.41 14.53 4.27
N ARG B 8 6.16 14.45 4.74
CA ARG B 8 5.20 13.61 4.06
C ARG B 8 4.95 14.14 2.66
N ARG B 9 4.76 13.22 1.73
CA ARG B 9 4.72 13.52 0.32
C ARG B 9 3.32 13.29 -0.21
N GLN B 10 2.80 14.28 -0.92
CA GLN B 10 1.44 14.22 -1.45
C GLN B 10 1.47 13.50 -2.77
N ALA B 11 0.42 12.76 -3.04
CA ALA B 11 0.28 12.19 -4.37
C ALA B 11 -0.04 13.28 -5.39
N ILE B 12 0.20 12.99 -6.66
CA ILE B 12 -0.17 13.88 -7.76
C ILE B 12 -1.23 13.18 -8.59
N HIS B 13 -2.20 13.95 -9.06
CA HIS B 13 -3.23 13.44 -9.95
C HIS B 13 -2.84 13.55 -11.41
N ASP B 14 -1.88 14.41 -11.74
CA ASP B 14 -1.48 14.61 -13.14
C ASP B 14 -0.13 15.32 -13.19
N ILE B 15 0.89 14.64 -13.70
CA ILE B 15 2.19 15.26 -13.96
C ILE B 15 2.75 15.90 -12.71
#